data_6LCE
#
_entry.id   6LCE
#
_cell.length_a   53.339
_cell.length_b   66.277
_cell.length_c   92.118
_cell.angle_alpha   90.000
_cell.angle_beta   90.000
_cell.angle_gamma   90.000
#
_symmetry.space_group_name_H-M   'P 21 21 21'
#
loop_
_entity.id
_entity.type
_entity.pdbx_description
1 polymer 'ABC transporter substrate binding component'
2 branched beta-L-arabinofuranose-(1-2)-alpha-L-arabinofuranose
3 water water
#
_entity_poly.entity_id   1
_entity_poly.type   'polypeptide(L)'
_entity_poly.pdbx_seq_one_letter_code
;(MSE)GHHHHHHHHHHSSGHIEGRH(MSE)GSGNGGTATAEGIPAKGTDDGTEITLWTRSPLERQAKNVVEAYNKSHKNQ
VKLEIIPNDD(MSE)EGKVGGASQTDSLPDILAGDVVRIPYWASEGIFTDITKQIDGLDNKADLQQGHIEAGTVDGAEYT
LPFITDVSV(MSE)VWNKNLYKEAGLDPEQGPKSIDQFVEQAKKVAALNKDGVAGSYLAGQSGGALVFDLFPSVWADGES
V(MSE)NKDGSEATLDNDS(MSE)KGVLDAYKELANTTNGLGAGSKEETGATWTAPFANGKIGV(MSE)PYPNTSTTALF
DAEKDGGFEVGVAPIPGTKEGKTSTFLGGDA(MSE)GISKDSKHVAQAWNFLYWL(MSE)QSDAQKEVFADQGDTASNIQ
TLKTAYKDADPRIQTINSVIIDGNGQTPKSPAFNEAFNAAGSPWQLLVQNAVWGSGDLKADNKAVTDVLSAQ
;
_entity_poly.pdbx_strand_id   A
#
loop_
_chem_comp.id
_chem_comp.type
_chem_comp.name
_chem_comp.formula
AHR L-saccharide, alpha linking alpha-L-arabinofuranose 'C5 H10 O5'
FUB L-saccharide, beta linking beta-L-arabinofuranose 'C5 H10 O5'
#
# COMPACT_ATOMS: atom_id res chain seq x y z
N ALA A 30 16.81 -20.18 -13.06
CA ALA A 30 17.42 -18.82 -13.17
C ALA A 30 18.43 -18.64 -12.04
N THR A 31 19.59 -18.06 -12.34
CA THR A 31 20.62 -17.67 -11.34
C THR A 31 21.24 -16.34 -11.77
N ALA A 32 21.60 -15.50 -10.79
CA ALA A 32 22.28 -14.19 -10.97
C ALA A 32 23.81 -14.38 -10.89
N GLU A 33 24.31 -15.62 -10.79
CA GLU A 33 25.77 -15.90 -10.83
C GLU A 33 26.43 -15.19 -12.03
N GLY A 34 27.45 -14.38 -11.79
CA GLY A 34 28.33 -13.91 -12.87
C GLY A 34 27.73 -12.77 -13.68
N ILE A 35 26.61 -12.18 -13.27
CA ILE A 35 26.01 -11.05 -14.04
C ILE A 35 26.73 -9.76 -13.66
N PRO A 36 26.82 -8.81 -14.61
CA PRO A 36 27.46 -7.51 -14.33
C PRO A 36 26.79 -6.72 -13.20
N ALA A 37 27.59 -5.94 -12.46
CA ALA A 37 27.08 -5.13 -11.33
C ALA A 37 25.91 -4.23 -11.78
N LYS A 38 25.95 -3.69 -13.00
CA LYS A 38 24.87 -2.81 -13.54
C LYS A 38 23.92 -3.56 -14.47
N GLY A 39 24.08 -4.87 -14.55
CA GLY A 39 23.29 -5.71 -15.45
C GLY A 39 23.69 -5.49 -16.90
N THR A 40 22.93 -6.09 -17.81
CA THR A 40 23.23 -6.08 -19.26
C THR A 40 22.10 -5.35 -20.00
N ASP A 41 22.45 -4.37 -20.83
CA ASP A 41 21.49 -3.67 -21.71
C ASP A 41 21.78 -4.05 -23.16
N ASP A 42 21.08 -5.03 -23.73
CA ASP A 42 21.47 -5.61 -25.03
C ASP A 42 20.28 -5.77 -26.00
N GLY A 43 19.12 -5.19 -25.72
CA GLY A 43 17.97 -5.29 -26.63
C GLY A 43 17.11 -6.50 -26.31
N THR A 44 17.28 -7.14 -25.16
CA THR A 44 16.36 -8.20 -24.69
C THR A 44 14.96 -7.62 -24.36
N GLU A 45 13.92 -8.35 -24.75
CA GLU A 45 12.55 -8.09 -24.31
C GLU A 45 12.38 -8.72 -22.93
N ILE A 46 12.04 -7.89 -21.96
CA ILE A 46 11.95 -8.23 -20.50
C ILE A 46 10.47 -8.17 -20.16
N THR A 47 9.86 -9.24 -19.68
CA THR A 47 8.44 -9.19 -19.24
C THR A 47 8.37 -8.75 -17.78
N LEU A 48 7.40 -7.88 -17.47
CA LEU A 48 7.16 -7.42 -16.08
C LEU A 48 5.66 -7.50 -15.79
N TRP A 49 5.31 -8.11 -14.67
CA TRP A 49 3.92 -8.09 -14.14
C TRP A 49 3.84 -7.17 -12.92
N THR A 50 2.76 -6.42 -12.84
CA THR A 50 2.35 -5.70 -11.62
C THR A 50 0.83 -5.53 -11.65
N ARG A 51 0.30 -4.77 -10.73
CA ARG A 51 -1.15 -4.83 -10.44
C ARG A 51 -1.86 -3.50 -10.70
N SER A 52 -3.14 -3.60 -10.99
CA SER A 52 -3.98 -2.46 -11.46
C SER A 52 -3.90 -1.27 -10.52
N PRO A 53 -3.93 -1.39 -9.17
CA PRO A 53 -3.94 -0.19 -8.31
C PRO A 53 -2.71 0.70 -8.56
N LEU A 54 -1.61 0.14 -9.08
CA LEU A 54 -0.32 0.85 -9.23
C LEU A 54 -0.08 1.18 -10.71
N GLU A 55 -1.12 1.11 -11.54
CA GLU A 55 -0.99 1.20 -13.01
C GLU A 55 -0.37 2.54 -13.43
N ARG A 56 -0.78 3.64 -12.82
CA ARG A 56 -0.30 4.96 -13.25
C ARG A 56 1.22 5.04 -13.09
N GLN A 57 1.70 4.65 -11.93
CA GLN A 57 3.15 4.70 -11.61
C GLN A 57 3.91 3.67 -12.46
N ALA A 58 3.38 2.47 -12.61
CA ALA A 58 4.07 1.41 -13.38
C ALA A 58 4.27 1.85 -14.83
N LYS A 59 3.27 2.45 -15.44
CA LYS A 59 3.36 2.90 -16.86
C LYS A 59 4.45 3.95 -16.97
N ASN A 60 4.51 4.88 -16.02
CA ASN A 60 5.53 5.96 -15.99
C ASN A 60 6.93 5.34 -15.92
N VAL A 61 7.12 4.37 -15.03
CA VAL A 61 8.46 3.73 -14.80
C VAL A 61 8.90 3.04 -16.11
N VAL A 62 8.02 2.22 -16.66
CA VAL A 62 8.37 1.36 -17.81
C VAL A 62 8.63 2.25 -19.04
N GLU A 63 7.80 3.29 -19.25
CA GLU A 63 8.00 4.19 -20.42
C GLU A 63 9.38 4.84 -20.32
N ALA A 64 9.77 5.31 -19.13
CA ALA A 64 11.07 5.98 -18.92
C ALA A 64 12.21 4.99 -19.22
N TYR A 65 12.07 3.75 -18.79
CA TYR A 65 13.15 2.76 -19.02
C TYR A 65 13.25 2.49 -20.52
N ASN A 66 12.10 2.26 -21.15
CA ASN A 66 12.04 1.86 -22.57
C ASN A 66 12.55 2.99 -23.47
N LYS A 67 12.38 4.24 -23.06
CA LYS A 67 12.86 5.38 -23.89
C LYS A 67 14.38 5.55 -23.75
N SER A 68 15.04 4.87 -22.79
CA SER A 68 16.46 5.15 -22.49
C SER A 68 17.34 3.89 -22.58
N HIS A 69 16.80 2.73 -22.94
CA HIS A 69 17.54 1.44 -22.96
C HIS A 69 17.28 0.67 -24.23
N LYS A 70 18.21 -0.20 -24.56
CA LYS A 70 18.07 -1.11 -25.73
C LYS A 70 17.07 -2.19 -25.31
N ASN A 71 17.25 -2.73 -24.12
CA ASN A 71 16.26 -3.66 -23.55
C ASN A 71 14.89 -2.98 -23.60
N GLN A 72 13.83 -3.75 -23.73
CA GLN A 72 12.47 -3.19 -23.69
C GLN A 72 11.65 -4.04 -22.72
N VAL A 73 10.92 -3.38 -21.85
CA VAL A 73 9.99 -4.02 -20.89
C VAL A 73 8.60 -4.13 -21.52
N LYS A 74 8.07 -5.34 -21.53
CA LYS A 74 6.70 -5.63 -21.99
C LYS A 74 5.84 -5.78 -20.73
N LEU A 75 5.06 -4.75 -20.44
CA LEU A 75 4.32 -4.60 -19.14
C LEU A 75 2.96 -5.31 -19.23
N GLU A 76 2.63 -6.09 -18.21
CA GLU A 76 1.28 -6.64 -18.02
C GLU A 76 0.74 -6.13 -16.68
N ILE A 77 -0.36 -5.39 -16.75
CA ILE A 77 -1.09 -4.94 -15.54
C ILE A 77 -2.21 -5.93 -15.27
N ILE A 78 -2.20 -6.47 -14.05
CA ILE A 78 -3.09 -7.59 -13.63
C ILE A 78 -3.95 -7.09 -12.48
N PRO A 79 -5.27 -7.40 -12.48
CA PRO A 79 -6.12 -6.99 -11.37
C PRO A 79 -5.55 -7.51 -10.05
N ASN A 80 -5.67 -6.68 -9.03
CA ASN A 80 -5.15 -6.92 -7.67
C ASN A 80 -5.51 -8.32 -7.20
N ASP A 81 -6.78 -8.70 -7.34
CA ASP A 81 -7.24 -9.98 -6.73
C ASP A 81 -6.87 -11.18 -7.61
N ASP A 82 -6.21 -10.97 -8.75
CA ASP A 82 -5.89 -12.08 -9.68
C ASP A 82 -4.42 -12.49 -9.54
N MSE A 83 -3.63 -11.71 -8.81
CA MSE A 83 -2.19 -11.89 -8.90
CA MSE A 83 -2.18 -11.85 -8.82
C MSE A 83 -1.76 -13.20 -8.23
O MSE A 83 -0.87 -13.88 -8.74
CB MSE A 83 -1.39 -10.73 -8.29
CB MSE A 83 -1.55 -10.72 -8.02
CG MSE A 83 0.10 -10.91 -8.48
CG MSE A 83 -1.46 -9.41 -8.75
SE MSE A 83 0.64 -10.78 -10.37
SE MSE A 83 -0.29 -9.57 -10.32
CE MSE A 83 0.58 -8.83 -10.43
CE MSE A 83 1.53 -9.97 -9.74
N GLU A 84 -2.41 -13.60 -7.12
CA GLU A 84 -2.06 -14.88 -6.51
C GLU A 84 -2.28 -16.06 -7.47
N GLY A 85 -3.47 -16.17 -8.04
CA GLY A 85 -3.81 -17.27 -8.98
C GLY A 85 -2.91 -17.23 -10.19
N LYS A 86 -2.59 -16.04 -10.70
CA LYS A 86 -1.72 -15.89 -11.90
C LYS A 86 -0.30 -16.33 -11.58
N VAL A 87 0.24 -15.97 -10.42
CA VAL A 87 1.61 -16.32 -9.98
C VAL A 87 1.69 -17.83 -9.71
N GLY A 88 0.74 -18.37 -8.94
CA GLY A 88 0.68 -19.81 -8.61
C GLY A 88 0.65 -20.66 -9.88
N GLY A 89 -0.23 -20.34 -10.83
CA GLY A 89 -0.37 -21.06 -12.09
C GLY A 89 0.87 -20.96 -12.96
N ALA A 90 1.43 -19.75 -13.06
CA ALA A 90 2.64 -19.54 -13.88
C ALA A 90 3.82 -20.28 -13.24
N SER A 91 3.93 -20.29 -11.91
CA SER A 91 5.02 -21.02 -11.24
C SER A 91 4.95 -22.52 -11.62
N GLN A 92 3.75 -23.08 -11.73
CA GLN A 92 3.57 -24.54 -12.01
C GLN A 92 3.96 -24.90 -13.44
N THR A 93 3.79 -23.98 -14.39
CA THR A 93 4.10 -24.18 -15.83
C THR A 93 5.41 -23.48 -16.19
N ASP A 94 6.15 -22.98 -15.20
CA ASP A 94 7.43 -22.24 -15.37
C ASP A 94 7.28 -21.17 -16.44
N SER A 95 6.22 -20.37 -16.32
CA SER A 95 5.92 -19.25 -17.23
C SER A 95 5.85 -17.93 -16.46
N LEU A 96 6.53 -17.84 -15.31
CA LEU A 96 6.62 -16.52 -14.61
C LEU A 96 7.34 -15.54 -15.52
N PRO A 97 6.99 -14.24 -15.42
CA PRO A 97 7.69 -13.22 -16.18
C PRO A 97 9.13 -13.02 -15.71
N ASP A 98 9.90 -12.24 -16.47
CA ASP A 98 11.31 -11.97 -16.06
C ASP A 98 11.30 -11.25 -14.71
N ILE A 99 10.47 -10.22 -14.58
CA ILE A 99 10.35 -9.38 -13.37
C ILE A 99 8.91 -9.53 -12.84
N LEU A 100 8.79 -10.00 -11.62
CA LEU A 100 7.48 -10.14 -10.97
C LEU A 100 7.47 -9.10 -9.87
N ALA A 101 6.58 -8.13 -10.00
CA ALA A 101 6.29 -7.20 -8.88
C ALA A 101 5.09 -7.77 -8.11
N GLY A 102 5.14 -7.70 -6.80
CA GLY A 102 4.08 -8.19 -5.92
C GLY A 102 3.89 -7.28 -4.73
N ASP A 103 2.64 -7.20 -4.27
CA ASP A 103 2.30 -6.49 -3.02
C ASP A 103 3.30 -6.94 -1.96
N VAL A 104 3.91 -6.00 -1.24
CA VAL A 104 4.94 -6.34 -0.22
C VAL A 104 4.36 -7.30 0.81
N VAL A 105 3.04 -7.33 1.02
CA VAL A 105 2.50 -8.31 2.04
C VAL A 105 2.44 -9.72 1.44
N ARG A 106 2.48 -9.84 0.12
CA ARG A 106 2.41 -11.17 -0.55
C ARG A 106 3.80 -11.73 -0.77
N ILE A 107 4.81 -10.86 -0.83
CA ILE A 107 6.18 -11.27 -1.20
C ILE A 107 6.73 -12.35 -0.27
N PRO A 108 6.57 -12.28 1.08
CA PRO A 108 7.25 -13.26 1.93
C PRO A 108 6.85 -14.68 1.56
N TYR A 109 5.55 -14.92 1.31
CA TYR A 109 5.04 -16.25 0.88
C TYR A 109 5.76 -16.66 -0.43
N TRP A 110 5.69 -15.81 -1.46
CA TRP A 110 6.32 -16.11 -2.77
C TRP A 110 7.83 -16.38 -2.60
N ALA A 111 8.56 -15.53 -1.87
CA ALA A 111 10.01 -15.71 -1.65
C ALA A 111 10.24 -17.04 -0.94
N SER A 112 9.43 -17.35 0.08
CA SER A 112 9.54 -18.64 0.82
C SER A 112 9.29 -19.83 -0.11
N GLU A 113 8.48 -19.72 -1.16
CA GLU A 113 8.21 -20.90 -2.01
C GLU A 113 9.11 -20.94 -3.28
N GLY A 114 10.10 -20.08 -3.41
CA GLY A 114 11.12 -20.19 -4.48
C GLY A 114 10.69 -19.55 -5.77
N ILE A 115 9.76 -18.59 -5.70
CA ILE A 115 9.26 -17.84 -6.90
C ILE A 115 10.37 -16.99 -7.52
N PHE A 116 11.30 -16.53 -6.71
CA PHE A 116 12.34 -15.54 -7.12
C PHE A 116 13.74 -16.15 -7.12
N THR A 117 14.54 -15.62 -8.04
CA THR A 117 16.00 -15.84 -8.15
C THR A 117 16.71 -15.13 -6.99
N ASP A 118 17.68 -15.80 -6.35
CA ASP A 118 18.45 -15.18 -5.27
C ASP A 118 19.29 -14.07 -5.88
N ILE A 119 19.11 -12.83 -5.41
CA ILE A 119 19.88 -11.66 -5.93
C ILE A 119 20.55 -10.96 -4.76
N THR A 120 20.90 -11.69 -3.71
CA THR A 120 21.60 -11.11 -2.53
C THR A 120 22.84 -10.34 -2.99
N LYS A 121 23.72 -10.97 -3.77
CA LYS A 121 24.98 -10.34 -4.23
C LYS A 121 24.66 -9.02 -4.96
N GLN A 122 23.68 -9.06 -5.83
CA GLN A 122 23.37 -7.90 -6.69
C GLN A 122 22.79 -6.76 -5.83
N ILE A 123 21.83 -7.08 -4.97
CA ILE A 123 21.26 -6.07 -4.03
C ILE A 123 22.39 -5.52 -3.14
N ASP A 124 23.20 -6.38 -2.57
CA ASP A 124 24.21 -5.92 -1.58
C ASP A 124 25.29 -5.13 -2.27
N GLY A 125 25.39 -5.25 -3.60
CA GLY A 125 26.38 -4.50 -4.37
C GLY A 125 25.90 -3.10 -4.75
N LEU A 126 24.64 -2.76 -4.51
CA LEU A 126 24.15 -1.37 -4.80
C LEU A 126 24.84 -0.39 -3.84
N ASP A 127 25.51 0.62 -4.37
CA ASP A 127 26.25 1.57 -3.50
C ASP A 127 25.24 2.36 -2.67
N ASN A 128 23.96 2.38 -3.05
CA ASN A 128 22.94 3.23 -2.36
C ASN A 128 21.89 2.36 -1.68
N LYS A 129 22.21 1.12 -1.35
CA LYS A 129 21.19 0.19 -0.78
C LYS A 129 20.54 0.84 0.46
N ALA A 130 21.35 1.51 1.30
CA ALA A 130 20.87 2.05 2.59
C ALA A 130 19.76 3.07 2.32
N ASP A 131 19.73 3.68 1.13
CA ASP A 131 18.75 4.75 0.76
C ASP A 131 17.40 4.17 0.34
N LEU A 132 17.29 2.86 0.15
CA LEU A 132 16.10 2.29 -0.53
C LEU A 132 15.07 1.91 0.53
N GLN A 133 13.79 1.86 0.16
CA GLN A 133 12.70 1.61 1.13
C GLN A 133 12.96 0.22 1.74
N GLN A 134 13.35 0.16 3.01
CA GLN A 134 13.92 -1.11 3.55
C GLN A 134 12.80 -2.14 3.72
N GLY A 135 11.55 -1.72 3.92
CA GLY A 135 10.43 -2.66 4.11
C GLY A 135 10.23 -3.51 2.87
N HIS A 136 10.57 -2.98 1.70
CA HIS A 136 10.44 -3.75 0.43
C HIS A 136 11.58 -4.77 0.31
N ILE A 137 12.76 -4.46 0.79
CA ILE A 137 13.87 -5.43 0.81
C ILE A 137 13.57 -6.52 1.88
N GLU A 138 13.17 -6.09 3.07
CA GLU A 138 12.82 -7.03 4.17
C GLU A 138 11.73 -8.00 3.70
N ALA A 139 10.75 -7.54 2.92
CA ALA A 139 9.62 -8.39 2.47
C ALA A 139 10.14 -9.64 1.74
N GLY A 140 11.20 -9.49 0.94
CA GLY A 140 11.78 -10.59 0.16
C GLY A 140 13.05 -11.14 0.79
N THR A 141 13.32 -10.87 2.07
CA THR A 141 14.47 -11.47 2.77
C THR A 141 14.03 -12.80 3.39
N VAL A 142 14.81 -13.85 3.17
CA VAL A 142 14.58 -15.19 3.81
C VAL A 142 15.90 -15.61 4.45
N ASP A 143 16.05 -15.44 5.76
CA ASP A 143 17.26 -15.85 6.52
C ASP A 143 18.47 -15.13 5.92
N GLY A 144 18.27 -13.88 5.53
CA GLY A 144 19.33 -13.01 5.01
C GLY A 144 19.49 -13.12 3.51
N ALA A 145 18.95 -14.14 2.85
CA ALA A 145 18.95 -14.19 1.36
C ALA A 145 17.93 -13.13 0.87
N GLU A 146 18.29 -12.34 -0.13
CA GLU A 146 17.45 -11.22 -0.59
C GLU A 146 16.97 -11.52 -2.00
N TYR A 147 15.65 -11.38 -2.19
CA TYR A 147 14.97 -11.65 -3.48
C TYR A 147 14.35 -10.39 -4.06
N THR A 148 14.13 -9.32 -3.30
CA THR A 148 13.33 -8.18 -3.83
C THR A 148 13.93 -6.80 -3.53
N LEU A 149 13.57 -5.88 -4.40
CA LEU A 149 13.80 -4.44 -4.24
C LEU A 149 12.46 -3.73 -4.32
N PRO A 150 12.35 -2.50 -3.80
CA PRO A 150 11.13 -1.72 -4.00
C PRO A 150 10.92 -1.42 -5.47
N PHE A 151 9.65 -1.57 -5.94
CA PHE A 151 9.20 -1.15 -7.29
C PHE A 151 8.43 0.16 -7.15
N ILE A 152 7.27 0.10 -6.50
CA ILE A 152 6.40 1.30 -6.31
C ILE A 152 5.97 1.34 -4.86
N THR A 153 6.29 2.44 -4.18
CA THR A 153 5.85 2.65 -2.79
C THR A 153 4.40 3.10 -2.80
N ASP A 154 3.57 2.49 -1.94
CA ASP A 154 2.14 2.86 -1.82
C ASP A 154 1.91 3.02 -0.32
N VAL A 155 1.71 4.24 0.14
CA VAL A 155 1.48 4.48 1.57
C VAL A 155 0.07 4.98 1.78
N SER A 156 -0.47 4.70 2.96
CA SER A 156 -1.85 5.14 3.32
C SER A 156 -1.76 6.48 4.05
N VAL A 157 -2.65 7.38 3.66
CA VAL A 157 -2.76 8.75 4.23
C VAL A 157 -4.23 9.06 4.38
N MSE A 158 -4.48 10.11 5.14
CA MSE A 158 -5.82 10.60 5.35
C MSE A 158 -6.08 11.66 4.30
O MSE A 158 -5.25 12.58 4.13
CB MSE A 158 -6.03 11.16 6.77
CG MSE A 158 -7.48 11.42 7.08
SE MSE A 158 -8.46 9.74 7.41
CE MSE A 158 -7.01 8.73 7.97
N VAL A 159 -7.18 11.51 3.57
CA VAL A 159 -7.62 12.54 2.64
C VAL A 159 -8.98 13.08 3.11
N TRP A 160 -9.25 14.33 2.80
CA TRP A 160 -10.62 14.86 3.05
C TRP A 160 -11.00 15.85 1.98
N ASN A 161 -12.29 16.05 1.86
CA ASN A 161 -12.92 16.88 0.83
C ASN A 161 -13.12 18.24 1.46
N LYS A 162 -12.30 19.22 1.10
CA LYS A 162 -12.34 20.53 1.78
C LYS A 162 -13.68 21.22 1.49
N ASN A 163 -14.31 20.94 0.34
CA ASN A 163 -15.59 21.60 -0.03
C ASN A 163 -16.66 21.06 0.93
N LEU A 164 -16.69 19.75 1.19
CA LEU A 164 -17.65 19.18 2.17
C LEU A 164 -17.37 19.70 3.58
N TYR A 165 -16.09 19.82 3.95
CA TYR A 165 -15.69 20.35 5.27
C TYR A 165 -16.27 21.77 5.39
N LYS A 166 -16.05 22.64 4.38
CA LYS A 166 -16.55 24.04 4.45
C LYS A 166 -18.07 24.04 4.58
N GLU A 167 -18.77 23.27 3.76
CA GLU A 167 -20.26 23.21 3.79
C GLU A 167 -20.74 22.71 5.15
N ALA A 168 -19.98 21.84 5.81
CA ALA A 168 -20.34 21.23 7.11
C ALA A 168 -19.94 22.15 8.26
N GLY A 169 -19.19 23.23 8.01
CA GLY A 169 -18.75 24.14 9.08
C GLY A 169 -17.47 23.69 9.76
N LEU A 170 -16.71 22.80 9.13
CA LEU A 170 -15.37 22.41 9.61
C LEU A 170 -14.35 23.35 8.99
N ASP A 171 -13.29 23.60 9.72
CA ASP A 171 -12.09 24.27 9.15
C ASP A 171 -11.51 23.37 8.06
N PRO A 172 -11.53 23.78 6.77
CA PRO A 172 -11.12 22.89 5.69
C PRO A 172 -9.62 22.57 5.75
N GLU A 173 -8.83 23.34 6.51
CA GLU A 173 -7.37 23.12 6.56
C GLU A 173 -7.00 22.04 7.57
N GLN A 174 -7.90 21.64 8.45
CA GLN A 174 -7.54 20.78 9.62
C GLN A 174 -8.13 19.37 9.43
N GLY A 175 -7.24 18.44 9.12
CA GLY A 175 -7.54 17.00 9.10
C GLY A 175 -7.58 16.48 10.53
N PRO A 176 -7.91 15.19 10.70
CA PRO A 176 -8.10 14.64 12.04
C PRO A 176 -6.76 14.28 12.71
N LYS A 177 -6.60 14.68 13.97
CA LYS A 177 -5.34 14.48 14.75
C LYS A 177 -5.47 13.23 15.64
N SER A 178 -6.65 12.62 15.66
CA SER A 178 -6.93 11.40 16.44
C SER A 178 -8.10 10.69 15.79
N ILE A 179 -8.29 9.43 16.17
CA ILE A 179 -9.44 8.66 15.67
C ILE A 179 -10.72 9.36 16.13
N ASP A 180 -10.78 9.87 17.36
CA ASP A 180 -12.00 10.55 17.86
C ASP A 180 -12.30 11.79 17.01
N GLN A 181 -11.29 12.54 16.60
CA GLN A 181 -11.50 13.73 15.78
C GLN A 181 -11.92 13.31 14.35
N PHE A 182 -11.44 12.16 13.91
CA PHE A 182 -11.84 11.58 12.60
C PHE A 182 -13.35 11.32 12.65
N VAL A 183 -13.85 10.64 13.70
CA VAL A 183 -15.31 10.39 13.88
C VAL A 183 -16.07 11.73 13.92
N GLU A 184 -15.59 12.69 14.70
CA GLU A 184 -16.24 14.01 14.85
C GLU A 184 -16.33 14.69 13.48
N GLN A 185 -15.24 14.76 12.71
CA GLN A 185 -15.27 15.37 11.38
C GLN A 185 -16.19 14.60 10.42
N ALA A 186 -16.09 13.26 10.37
CA ALA A 186 -16.95 12.41 9.53
C ALA A 186 -18.42 12.68 9.90
N LYS A 187 -18.74 12.75 11.18
CA LYS A 187 -20.13 12.98 11.63
C LYS A 187 -20.63 14.37 11.21
N LYS A 188 -19.79 15.39 11.28
CA LYS A 188 -20.20 16.75 10.86
C LYS A 188 -20.56 16.73 9.36
N VAL A 189 -19.80 16.03 8.54
CA VAL A 189 -20.09 15.94 7.07
C VAL A 189 -21.35 15.10 6.88
N ALA A 190 -21.46 13.97 7.57
CA ALA A 190 -22.69 13.14 7.51
C ALA A 190 -23.93 14.02 7.77
N ALA A 191 -23.85 14.93 8.72
CA ALA A 191 -24.99 15.75 9.19
C ALA A 191 -25.39 16.75 8.11
N LEU A 192 -24.64 16.86 7.00
CA LEU A 192 -25.13 17.68 5.87
C LEU A 192 -26.47 17.12 5.38
N ASN A 193 -26.66 15.81 5.59
CA ASN A 193 -27.95 15.12 5.32
C ASN A 193 -28.33 15.33 3.85
N LYS A 194 -27.38 15.04 2.95
CA LYS A 194 -27.53 15.22 1.49
C LYS A 194 -27.39 13.87 0.79
N ASP A 195 -28.28 13.59 -0.17
CA ASP A 195 -28.20 12.41 -1.08
C ASP A 195 -26.74 12.21 -1.52
N GLY A 196 -26.22 11.00 -1.29
CA GLY A 196 -24.92 10.60 -1.85
C GLY A 196 -23.75 11.10 -1.04
N VAL A 197 -23.95 11.94 -0.01
CA VAL A 197 -22.81 12.45 0.81
C VAL A 197 -22.76 11.63 2.09
N ALA A 198 -21.57 11.12 2.43
CA ALA A 198 -21.36 10.38 3.69
C ALA A 198 -20.09 10.89 4.36
N GLY A 199 -19.99 10.70 5.67
CA GLY A 199 -18.83 11.14 6.45
C GLY A 199 -17.56 10.44 6.02
N SER A 200 -17.59 9.11 5.99
CA SER A 200 -16.38 8.31 5.64
C SER A 200 -16.79 7.15 4.75
N TYR A 201 -15.88 6.19 4.57
CA TYR A 201 -16.12 4.97 3.78
C TYR A 201 -15.19 3.89 4.32
N LEU A 202 -15.66 2.65 4.42
CA LEU A 202 -14.87 1.49 4.90
C LEU A 202 -14.93 0.40 3.83
N ALA A 203 -13.79 -0.14 3.46
CA ALA A 203 -13.72 -1.21 2.42
C ALA A 203 -14.05 -2.56 3.06
N GLY A 204 -15.34 -2.77 3.33
CA GLY A 204 -15.87 -3.81 4.25
C GLY A 204 -15.45 -5.22 3.91
N GLN A 205 -15.35 -5.55 2.62
CA GLN A 205 -14.96 -6.94 2.21
C GLN A 205 -13.59 -6.92 1.53
N SER A 206 -12.72 -5.93 1.78
CA SER A 206 -11.35 -5.95 1.25
C SER A 206 -10.33 -6.03 2.39
N GLY A 207 -9.90 -7.24 2.72
CA GLY A 207 -8.95 -7.38 3.83
C GLY A 207 -7.71 -6.54 3.60
N GLY A 208 -7.25 -6.43 2.36
CA GLY A 208 -6.03 -5.67 2.02
C GLY A 208 -6.26 -4.19 2.20
N ALA A 209 -7.34 -3.62 1.68
CA ALA A 209 -7.59 -2.18 1.94
C ALA A 209 -7.75 -1.97 3.46
N LEU A 210 -8.37 -2.91 4.18
CA LEU A 210 -8.61 -2.75 5.65
C LEU A 210 -7.27 -2.71 6.39
N VAL A 211 -6.30 -3.59 6.10
CA VAL A 211 -5.00 -3.56 6.85
C VAL A 211 -4.32 -2.21 6.51
N PHE A 212 -4.33 -1.83 5.25
CA PHE A 212 -3.72 -0.59 4.73
C PHE A 212 -4.29 0.62 5.47
N ASP A 213 -5.60 0.65 5.66
CA ASP A 213 -6.31 1.85 6.17
C ASP A 213 -6.32 1.84 7.71
N LEU A 214 -6.37 0.68 8.35
CA LEU A 214 -6.64 0.60 9.80
C LEU A 214 -5.35 0.34 10.59
N PHE A 215 -4.39 -0.44 10.07
CA PHE A 215 -3.15 -0.78 10.82
C PHE A 215 -2.43 0.49 11.29
N PRO A 216 -2.32 1.55 10.48
CA PRO A 216 -1.50 2.70 10.87
C PRO A 216 -1.98 3.34 12.19
N SER A 217 -3.27 3.30 12.48
CA SER A 217 -3.84 3.91 13.72
C SER A 217 -3.36 3.12 14.94
N VAL A 218 -3.12 1.81 14.76
CA VAL A 218 -2.56 0.96 15.85
C VAL A 218 -1.09 1.30 16.02
N TRP A 219 -0.32 1.27 14.94
CA TRP A 219 1.14 1.58 14.99
C TRP A 219 1.34 3.00 15.53
N ALA A 220 0.48 3.95 15.15
CA ALA A 220 0.64 5.36 15.61
C ALA A 220 0.75 5.37 17.14
N ASP A 221 -0.06 4.54 17.78
CA ASP A 221 -0.20 4.51 19.27
C ASP A 221 0.94 3.72 19.90
N GLY A 222 1.84 3.16 19.10
CA GLY A 222 2.93 2.30 19.60
C GLY A 222 2.52 0.86 19.83
N GLU A 223 1.35 0.45 19.35
CA GLU A 223 0.81 -0.91 19.53
C GLU A 223 1.16 -1.71 18.28
N SER A 224 1.03 -3.02 18.36
CA SER A 224 1.41 -3.97 17.31
C SER A 224 0.17 -4.74 16.86
N VAL A 225 0.24 -5.27 15.64
CA VAL A 225 -0.84 -6.12 15.08
C VAL A 225 -0.40 -7.58 15.01
N MSE A 226 0.90 -7.83 15.14
CA MSE A 226 1.42 -9.18 15.15
C MSE A 226 2.45 -9.28 16.27
O MSE A 226 2.97 -8.26 16.74
CB MSE A 226 1.93 -9.55 13.75
CG MSE A 226 0.83 -9.95 12.81
SE MSE A 226 1.48 -10.41 10.98
CE MSE A 226 3.34 -9.71 11.11
N ASN A 227 2.73 -10.51 16.71
CA ASN A 227 3.60 -10.70 17.85
C ASN A 227 5.05 -10.65 17.40
N LYS A 228 5.97 -10.83 18.36
CA LYS A 228 7.45 -10.67 18.21
C LYS A 228 7.95 -11.45 16.99
N ASP A 229 7.35 -12.61 16.70
CA ASP A 229 7.89 -13.60 15.72
C ASP A 229 6.91 -13.82 14.55
N GLY A 230 5.88 -12.97 14.36
CA GLY A 230 4.98 -12.91 13.17
C GLY A 230 4.01 -14.08 13.03
N SER A 231 3.87 -14.88 14.06
CA SER A 231 3.09 -16.13 14.00
C SER A 231 1.76 -15.95 14.74
N GLU A 232 1.55 -14.81 15.38
CA GLU A 232 0.31 -14.56 16.17
C GLU A 232 -0.19 -13.16 15.82
N ALA A 233 -1.50 -12.99 15.79
CA ALA A 233 -2.11 -11.66 15.66
C ALA A 233 -2.22 -11.11 17.06
N THR A 234 -2.09 -9.78 17.20
CA THR A 234 -2.24 -9.05 18.49
C THR A 234 -3.25 -7.93 18.27
N LEU A 235 -4.38 -8.25 17.63
CA LEU A 235 -5.40 -7.24 17.26
C LEU A 235 -6.35 -7.00 18.43
N ASP A 236 -6.32 -7.82 19.48
CA ASP A 236 -7.13 -7.57 20.69
C ASP A 236 -6.42 -6.56 21.59
N ASN A 237 -6.29 -5.31 21.16
CA ASN A 237 -5.55 -4.26 21.90
C ASN A 237 -6.41 -3.01 21.91
N ASP A 238 -6.09 -2.06 22.80
CA ASP A 238 -6.93 -0.86 23.00
C ASP A 238 -7.00 0.00 21.73
N SER A 239 -5.91 0.14 20.99
CA SER A 239 -5.92 0.97 19.75
C SER A 239 -6.86 0.39 18.71
N MSE A 240 -6.72 -0.92 18.41
CA MSE A 240 -7.58 -1.55 17.44
C MSE A 240 -9.04 -1.47 17.89
O MSE A 240 -9.94 -1.20 17.10
CB MSE A 240 -7.15 -3.00 17.18
CG MSE A 240 -7.89 -3.72 16.03
SE MSE A 240 -7.91 -2.81 14.29
CE MSE A 240 -6.24 -3.46 13.64
N LYS A 241 -9.29 -1.66 19.18
CA LYS A 241 -10.68 -1.51 19.65
C LYS A 241 -11.20 -0.10 19.37
N GLY A 242 -10.36 0.93 19.57
CA GLY A 242 -10.78 2.32 19.35
C GLY A 242 -11.10 2.56 17.89
N VAL A 243 -10.28 2.00 17.00
CA VAL A 243 -10.47 2.15 15.54
C VAL A 243 -11.82 1.48 15.17
N LEU A 244 -12.04 0.26 15.64
CA LEU A 244 -13.27 -0.49 15.29
C LEU A 244 -14.48 0.22 15.90
N ASP A 245 -14.34 0.71 17.13
CA ASP A 245 -15.38 1.54 17.80
C ASP A 245 -15.76 2.70 16.89
N ALA A 246 -14.75 3.37 16.29
CA ALA A 246 -14.96 4.58 15.46
C ALA A 246 -15.83 4.21 14.26
N TYR A 247 -15.47 3.14 13.57
CA TYR A 247 -16.18 2.75 12.34
C TYR A 247 -17.57 2.22 12.70
N LYS A 248 -17.74 1.59 13.85
CA LYS A 248 -19.11 1.17 14.28
C LYS A 248 -19.98 2.41 14.49
N GLU A 249 -19.44 3.41 15.18
CA GLU A 249 -20.19 4.68 15.44
CA GLU A 249 -20.19 4.67 15.43
C GLU A 249 -20.66 5.25 14.09
N LEU A 250 -19.77 5.28 13.11
CA LEU A 250 -20.11 5.84 11.79
C LEU A 250 -21.12 4.94 11.09
N ALA A 251 -21.01 3.61 11.25
CA ALA A 251 -22.00 2.64 10.71
C ALA A 251 -23.40 2.90 11.30
N ASN A 252 -23.46 3.38 12.54
CA ASN A 252 -24.72 3.64 13.28
C ASN A 252 -25.19 5.08 13.09
N THR A 253 -24.49 5.88 12.31
CA THR A 253 -24.83 7.29 12.01
C THR A 253 -25.48 7.36 10.64
N THR A 254 -26.59 8.09 10.52
CA THR A 254 -27.22 8.31 9.21
C THR A 254 -26.15 8.98 8.32
N ASN A 255 -25.88 8.40 7.17
CA ASN A 255 -24.86 8.89 6.20
C ASN A 255 -23.43 8.86 6.79
N GLY A 256 -23.19 8.10 7.86
CA GLY A 256 -21.85 7.95 8.48
C GLY A 256 -20.85 7.33 7.53
N LEU A 257 -21.22 6.21 6.94
CA LEU A 257 -20.37 5.51 5.97
C LEU A 257 -21.08 5.44 4.61
N GLY A 258 -20.36 5.68 3.54
CA GLY A 258 -20.98 5.72 2.21
C GLY A 258 -21.62 4.40 1.86
N ALA A 259 -22.79 4.45 1.22
CA ALA A 259 -23.44 3.27 0.61
C ALA A 259 -22.37 2.43 -0.12
N GLY A 260 -22.40 1.11 0.11
CA GLY A 260 -21.46 0.20 -0.55
C GLY A 260 -20.31 -0.20 0.37
N SER A 261 -20.11 0.52 1.48
CA SER A 261 -19.04 0.20 2.45
C SER A 261 -19.10 -1.28 2.81
N LYS A 262 -20.26 -1.76 3.22
CA LYS A 262 -20.34 -3.14 3.75
C LYS A 262 -19.97 -4.19 2.68
N GLU A 263 -20.27 -3.92 1.41
CA GLU A 263 -20.18 -4.88 0.28
C GLU A 263 -18.89 -4.62 -0.51
N GLU A 264 -18.12 -3.59 -0.17
CA GLU A 264 -16.93 -3.16 -0.95
C GLU A 264 -15.93 -4.31 -1.04
N THR A 265 -15.67 -4.82 -2.23
CA THR A 265 -14.77 -5.98 -2.47
C THR A 265 -13.32 -5.52 -2.54
N GLY A 266 -13.07 -4.22 -2.74
CA GLY A 266 -11.73 -3.70 -3.07
C GLY A 266 -11.67 -3.14 -4.48
N ALA A 267 -12.60 -3.53 -5.34
CA ALA A 267 -12.56 -3.14 -6.77
C ALA A 267 -12.96 -1.66 -6.93
N THR A 268 -13.67 -1.06 -5.98
CA THR A 268 -14.17 0.33 -6.14
C THR A 268 -13.82 1.20 -4.92
N TRP A 269 -12.94 0.79 -4.01
CA TRP A 269 -12.92 1.46 -2.69
C TRP A 269 -12.41 2.91 -2.75
N THR A 270 -11.63 3.28 -3.78
CA THR A 270 -11.05 4.62 -3.95
C THR A 270 -12.02 5.51 -4.77
N ALA A 271 -13.11 4.93 -5.28
CA ALA A 271 -14.02 5.66 -6.20
C ALA A 271 -14.88 6.69 -5.47
N PRO A 272 -15.57 6.36 -4.34
CA PRO A 272 -16.51 7.31 -3.75
C PRO A 272 -15.83 8.62 -3.32
N PHE A 273 -14.62 8.54 -2.77
CA PHE A 273 -13.92 9.78 -2.40
C PHE A 273 -13.58 10.59 -3.67
N ALA A 274 -13.03 9.95 -4.69
CA ALA A 274 -12.62 10.62 -5.94
C ALA A 274 -13.84 11.32 -6.56
N ASN A 275 -15.02 10.73 -6.40
CA ASN A 275 -16.30 11.24 -6.94
C ASN A 275 -16.92 12.33 -6.06
N GLY A 276 -16.25 12.74 -4.98
CA GLY A 276 -16.65 13.88 -4.13
C GLY A 276 -17.77 13.52 -3.16
N LYS A 277 -18.00 12.24 -2.90
CA LYS A 277 -19.16 11.80 -2.09
C LYS A 277 -18.77 11.56 -0.63
N ILE A 278 -17.49 11.64 -0.28
CA ILE A 278 -17.03 11.19 1.05
C ILE A 278 -16.28 12.32 1.74
N GLY A 279 -16.56 12.56 3.02
CA GLY A 279 -15.86 13.63 3.73
C GLY A 279 -14.37 13.37 3.94
N VAL A 280 -14.02 12.24 4.54
CA VAL A 280 -12.68 11.96 5.07
C VAL A 280 -12.46 10.45 5.24
N MSE A 281 -11.32 9.95 4.76
CA MSE A 281 -11.01 8.53 4.90
C MSE A 281 -9.52 8.33 4.62
O MSE A 281 -8.89 9.13 3.91
CB MSE A 281 -11.82 7.70 3.90
CG MSE A 281 -11.57 8.07 2.46
SE MSE A 281 -12.62 6.92 1.30
CE MSE A 281 -12.04 5.09 1.74
N PRO A 282 -8.98 7.17 5.05
CA PRO A 282 -7.67 6.70 4.60
C PRO A 282 -7.72 6.35 3.12
N TYR A 283 -6.58 6.45 2.48
CA TYR A 283 -6.52 6.44 0.99
C TYR A 283 -5.10 6.15 0.55
N PRO A 284 -4.88 5.55 -0.64
CA PRO A 284 -3.54 5.33 -1.16
C PRO A 284 -2.91 6.58 -1.75
N ASN A 285 -1.66 6.85 -1.40
CA ASN A 285 -0.90 7.97 -2.02
C ASN A 285 -0.87 7.78 -3.54
N THR A 286 -0.85 6.54 -4.02
CA THR A 286 -0.74 6.28 -5.48
C THR A 286 -2.02 6.69 -6.19
N SER A 287 -3.12 6.91 -5.46
CA SER A 287 -4.40 7.39 -6.01
C SER A 287 -4.54 8.91 -5.83
N THR A 288 -3.59 9.62 -5.21
CA THR A 288 -3.75 11.08 -4.91
C THR A 288 -3.42 11.95 -6.11
N THR A 289 -2.47 11.59 -6.98
CA THR A 289 -2.22 12.37 -8.22
C THR A 289 -3.49 12.57 -9.07
N ALA A 290 -4.32 11.54 -9.22
CA ALA A 290 -5.64 11.64 -9.89
C ALA A 290 -6.48 12.71 -9.17
N LEU A 291 -6.44 12.78 -7.85
CA LEU A 291 -7.33 13.74 -7.13
C LEU A 291 -6.81 15.16 -7.38
N PHE A 292 -5.49 15.32 -7.29
CA PHE A 292 -4.81 16.64 -7.47
C PHE A 292 -5.08 17.12 -8.90
N ASP A 293 -5.08 16.20 -9.89
CA ASP A 293 -5.44 16.56 -11.30
C ASP A 293 -6.88 17.02 -11.37
N ALA A 294 -7.83 16.28 -10.79
CA ALA A 294 -9.26 16.66 -10.77
C ALA A 294 -9.47 18.06 -10.14
N GLU A 295 -8.73 18.40 -9.09
CA GLU A 295 -8.77 19.72 -8.43
C GLU A 295 -8.24 20.80 -9.35
N LYS A 296 -7.11 20.53 -10.01
CA LYS A 296 -6.57 21.47 -11.01
C LYS A 296 -7.61 21.74 -12.11
N ASP A 297 -8.38 20.74 -12.47
CA ASP A 297 -9.42 20.89 -13.51
C ASP A 297 -10.63 21.71 -13.02
N GLY A 298 -10.67 22.11 -11.73
CA GLY A 298 -11.80 22.85 -11.11
C GLY A 298 -12.68 21.98 -10.24
N GLY A 299 -12.26 20.74 -9.92
CA GLY A 299 -13.01 19.87 -9.01
C GLY A 299 -12.80 20.25 -7.54
N PHE A 300 -13.33 19.44 -6.63
CA PHE A 300 -13.23 19.75 -5.19
C PHE A 300 -11.78 19.71 -4.73
N GLU A 301 -11.49 20.53 -3.73
CA GLU A 301 -10.13 20.67 -3.13
C GLU A 301 -9.86 19.55 -2.12
N VAL A 302 -8.66 18.98 -2.20
CA VAL A 302 -8.28 17.81 -1.37
C VAL A 302 -7.36 18.25 -0.24
N GLY A 303 -7.67 17.80 0.97
CA GLY A 303 -6.71 17.84 2.09
C GLY A 303 -6.03 16.49 2.24
N VAL A 304 -4.78 16.51 2.66
CA VAL A 304 -3.94 15.30 2.89
C VAL A 304 -3.22 15.48 4.21
N ALA A 305 -3.24 14.46 5.07
CA ALA A 305 -2.49 14.47 6.35
C ALA A 305 -2.17 13.04 6.71
N PRO A 306 -1.23 12.81 7.65
CA PRO A 306 -0.97 11.45 8.09
C PRO A 306 -2.19 10.87 8.84
N ILE A 307 -2.31 9.56 8.78
CA ILE A 307 -3.33 8.80 9.54
C ILE A 307 -2.94 8.90 11.01
N PRO A 308 -3.92 9.26 11.88
CA PRO A 308 -3.63 9.39 13.31
C PRO A 308 -3.93 8.13 14.11
N GLY A 309 -3.30 8.03 15.30
CA GLY A 309 -3.66 7.08 16.35
C GLY A 309 -4.96 7.44 17.03
N THR A 310 -5.34 6.61 17.99
CA THR A 310 -6.36 6.96 19.02
C THR A 310 -5.77 8.07 19.87
N LYS A 311 -4.43 8.09 20.04
CA LYS A 311 -3.73 9.12 20.84
C LYS A 311 -3.44 10.35 19.99
N GLU A 312 -3.93 11.50 20.43
CA GLU A 312 -3.86 12.73 19.62
C GLU A 312 -2.39 13.05 19.36
N GLY A 313 -2.14 13.43 18.11
CA GLY A 313 -0.83 13.89 17.63
C GLY A 313 0.07 12.73 17.25
N LYS A 314 -0.38 11.47 17.44
CA LYS A 314 0.39 10.28 17.01
C LYS A 314 0.00 9.92 15.58
N THR A 315 0.98 9.57 14.74
CA THR A 315 0.71 9.27 13.31
C THR A 315 1.55 8.10 12.86
N SER A 316 1.10 7.46 11.79
CA SER A 316 1.86 6.38 11.15
C SER A 316 1.34 6.20 9.73
N THR A 317 1.83 5.19 9.07
CA THR A 317 1.40 4.82 7.72
C THR A 317 1.67 3.36 7.51
N PHE A 318 1.02 2.82 6.51
CA PHE A 318 1.32 1.47 6.01
C PHE A 318 2.29 1.65 4.87
N LEU A 319 3.49 1.16 5.04
CA LEU A 319 4.56 1.22 4.01
C LEU A 319 4.35 0.03 3.09
N GLY A 320 3.45 0.21 2.12
CA GLY A 320 3.03 -0.81 1.18
C GLY A 320 3.50 -0.53 -0.24
N GLY A 321 2.74 -1.07 -1.17
CA GLY A 321 3.03 -1.03 -2.62
C GLY A 321 3.63 -2.33 -3.06
N ASP A 322 4.38 -2.31 -4.16
CA ASP A 322 4.91 -3.54 -4.75
C ASP A 322 6.42 -3.52 -4.65
N ALA A 323 6.97 -4.66 -4.22
CA ALA A 323 8.40 -4.97 -4.43
C ALA A 323 8.50 -5.83 -5.68
N MSE A 324 9.73 -5.98 -6.19
CA MSE A 324 9.94 -6.75 -7.40
C MSE A 324 11.20 -7.61 -7.25
O MSE A 324 12.20 -7.21 -6.65
CB MSE A 324 10.12 -5.82 -8.60
CG MSE A 324 11.34 -5.00 -8.55
SE MSE A 324 11.43 -3.81 -10.12
CE MSE A 324 12.71 -2.62 -9.46
N GLY A 325 11.15 -8.78 -7.90
CA GLY A 325 12.34 -9.58 -8.09
C GLY A 325 12.35 -10.23 -9.44
N ILE A 326 13.42 -10.98 -9.70
CA ILE A 326 13.64 -11.70 -10.97
C ILE A 326 13.13 -13.12 -10.76
N SER A 327 12.17 -13.56 -11.58
CA SER A 327 11.48 -14.85 -11.29
C SER A 327 12.47 -16.00 -11.48
N LYS A 328 12.13 -17.14 -10.91
CA LYS A 328 12.93 -18.39 -11.04
C LYS A 328 12.95 -18.86 -12.51
N ASP A 329 12.02 -18.37 -13.34
CA ASP A 329 11.88 -18.82 -14.73
C ASP A 329 12.63 -17.90 -15.69
N SER A 330 13.12 -16.75 -15.26
CA SER A 330 13.76 -15.80 -16.19
C SER A 330 14.95 -16.48 -16.91
N LYS A 331 15.02 -16.33 -18.22
CA LYS A 331 16.19 -16.74 -19.02
C LYS A 331 17.03 -15.48 -19.27
N HIS A 332 16.66 -14.35 -18.67
CA HIS A 332 17.31 -13.03 -18.95
C HIS A 332 17.64 -12.34 -17.65
N VAL A 333 18.39 -13.01 -16.79
CA VAL A 333 18.60 -12.47 -15.41
C VAL A 333 19.44 -11.19 -15.48
N ALA A 334 20.51 -11.15 -16.28
CA ALA A 334 21.40 -9.98 -16.34
C ALA A 334 20.62 -8.78 -16.90
N GLN A 335 19.72 -9.03 -17.85
CA GLN A 335 18.92 -7.96 -18.48
C GLN A 335 17.85 -7.50 -17.50
N ALA A 336 17.15 -8.41 -16.83
CA ALA A 336 16.17 -8.00 -15.79
C ALA A 336 16.86 -7.18 -14.69
N TRP A 337 18.08 -7.58 -14.30
CA TRP A 337 18.86 -6.87 -13.26
C TRP A 337 19.17 -5.44 -13.74
N ASN A 338 19.36 -5.24 -15.04
CA ASN A 338 19.63 -3.89 -15.59
C ASN A 338 18.48 -2.96 -15.22
N PHE A 339 17.24 -3.45 -15.29
CA PHE A 339 16.03 -2.66 -14.95
C PHE A 339 16.04 -2.39 -13.45
N LEU A 340 16.30 -3.41 -12.62
CA LEU A 340 16.25 -3.24 -11.15
C LEU A 340 17.31 -2.22 -10.73
N TYR A 341 18.53 -2.37 -11.26
CA TYR A 341 19.65 -1.45 -10.99
C TYR A 341 19.25 -0.02 -11.38
N TRP A 342 18.80 0.14 -12.61
CA TRP A 342 18.45 1.47 -13.15
C TRP A 342 17.47 2.17 -12.20
N LEU A 343 16.40 1.48 -11.79
CA LEU A 343 15.30 2.15 -11.05
C LEU A 343 15.76 2.60 -9.66
N MSE A 344 16.80 1.98 -9.09
CA MSE A 344 17.23 2.30 -7.73
C MSE A 344 17.97 3.63 -7.68
O MSE A 344 18.11 4.23 -6.61
CB MSE A 344 18.13 1.19 -7.17
CG MSE A 344 17.48 -0.16 -6.92
SE MSE A 344 15.75 -0.08 -6.01
CE MSE A 344 14.60 -0.22 -7.58
N GLN A 345 18.47 4.10 -8.83
CA GLN A 345 19.28 5.31 -8.90
C GLN A 345 18.40 6.54 -8.64
N SER A 346 18.92 7.52 -7.89
CA SER A 346 18.11 8.68 -7.47
C SER A 346 17.62 9.45 -8.70
N ASP A 347 18.43 9.54 -9.75
CA ASP A 347 18.03 10.29 -10.96
C ASP A 347 16.80 9.61 -11.60
N ALA A 348 16.78 8.27 -11.68
CA ALA A 348 15.66 7.48 -12.24
C ALA A 348 14.45 7.72 -11.37
N GLN A 349 14.64 7.66 -10.05
CA GLN A 349 13.53 7.82 -9.09
C GLN A 349 12.94 9.22 -9.27
N LYS A 350 13.78 10.22 -9.46
CA LYS A 350 13.32 11.61 -9.64
C LYS A 350 12.50 11.71 -10.93
N GLU A 351 12.97 11.07 -12.01
CA GLU A 351 12.31 11.15 -13.33
C GLU A 351 10.95 10.47 -13.27
N VAL A 352 10.87 9.28 -12.70
CA VAL A 352 9.64 8.45 -12.85
C VAL A 352 8.66 8.70 -11.70
N PHE A 353 9.11 9.15 -10.53
CA PHE A 353 8.21 9.37 -9.37
C PHE A 353 8.10 10.88 -9.12
N ALA A 354 9.14 11.53 -8.62
CA ALA A 354 9.08 12.95 -8.20
C ALA A 354 8.52 13.83 -9.34
N ASP A 355 9.12 13.74 -10.51
CA ASP A 355 8.75 14.62 -11.66
C ASP A 355 7.29 14.37 -12.06
N GLN A 356 6.71 13.25 -11.66
CA GLN A 356 5.30 12.91 -11.99
C GLN A 356 4.34 13.20 -10.83
N GLY A 357 4.83 13.74 -9.71
CA GLY A 357 4.03 14.00 -8.50
C GLY A 357 3.90 12.79 -7.60
N ASP A 358 4.65 11.72 -7.86
CA ASP A 358 4.53 10.48 -7.07
C ASP A 358 5.67 10.35 -6.08
N THR A 359 5.39 9.60 -5.02
CA THR A 359 6.34 9.23 -3.93
C THR A 359 7.38 8.21 -4.43
N ALA A 360 8.67 8.55 -4.30
CA ALA A 360 9.82 7.68 -4.59
C ALA A 360 10.04 6.63 -3.50
N SER A 361 10.83 5.61 -3.86
CA SER A 361 11.25 4.49 -2.98
C SER A 361 12.67 4.71 -2.44
N ASN A 362 13.25 5.87 -2.70
CA ASN A 362 14.66 6.20 -2.40
C ASN A 362 14.62 7.46 -1.53
N ILE A 363 15.03 7.35 -0.26
CA ILE A 363 14.91 8.48 0.73
C ILE A 363 15.73 9.70 0.29
N GLN A 364 16.87 9.51 -0.38
CA GLN A 364 17.65 10.60 -0.99
C GLN A 364 16.76 11.40 -1.96
N THR A 365 16.04 10.73 -2.84
CA THR A 365 15.08 11.38 -3.75
C THR A 365 14.00 12.10 -2.92
N LEU A 366 13.43 11.45 -1.91
CA LEU A 366 12.38 12.09 -1.08
C LEU A 366 12.89 13.39 -0.44
N LYS A 367 14.14 13.41 0.04
CA LYS A 367 14.75 14.56 0.77
C LYS A 367 15.23 15.64 -0.21
N THR A 368 15.42 15.35 -1.49
CA THR A 368 16.04 16.33 -2.41
C THR A 368 15.16 16.72 -3.61
N ALA A 369 14.25 15.87 -4.08
CA ALA A 369 13.62 16.08 -5.40
C ALA A 369 12.24 16.74 -5.28
N TYR A 370 11.78 17.12 -4.10
CA TYR A 370 10.42 17.68 -3.94
C TYR A 370 10.38 19.04 -3.26
N LYS A 371 11.47 19.80 -3.34
CA LYS A 371 11.62 21.08 -2.60
C LYS A 371 10.55 22.07 -3.07
N ASP A 372 10.17 22.11 -4.33
CA ASP A 372 9.07 23.04 -4.69
C ASP A 372 7.85 22.22 -5.16
N ALA A 373 7.66 21.03 -4.59
CA ALA A 373 6.48 20.17 -4.85
C ALA A 373 5.28 20.72 -4.07
N ASP A 374 4.09 20.37 -4.52
CA ASP A 374 2.82 20.55 -3.78
C ASP A 374 3.08 20.17 -2.32
N PRO A 375 2.72 21.03 -1.36
CA PRO A 375 2.94 20.72 0.05
C PRO A 375 2.28 19.42 0.53
N ARG A 376 1.22 18.98 -0.14
CA ARG A 376 0.50 17.72 0.22
C ARG A 376 1.42 16.54 -0.13
N ILE A 377 2.16 16.66 -1.22
CA ILE A 377 3.17 15.62 -1.60
C ILE A 377 4.30 15.67 -0.55
N GLN A 378 4.69 16.87 -0.12
CA GLN A 378 5.73 16.97 0.92
C GLN A 378 5.20 16.32 2.20
N THR A 379 3.92 16.54 2.51
CA THR A 379 3.26 15.87 3.66
C THR A 379 3.33 14.33 3.50
N ILE A 380 2.96 13.80 2.35
CA ILE A 380 3.02 12.32 2.11
C ILE A 380 4.46 11.82 2.36
N ASN A 381 5.45 12.52 1.81
CA ASN A 381 6.87 12.06 1.88
C ASN A 381 7.33 12.08 3.34
N SER A 382 6.86 13.07 4.12
CA SER A 382 7.25 13.29 5.52
C SER A 382 6.96 12.03 6.32
N VAL A 383 5.85 11.36 6.02
CA VAL A 383 5.43 10.16 6.82
C VAL A 383 6.46 9.06 6.58
N ILE A 384 7.06 9.00 5.39
CA ILE A 384 8.10 7.99 5.07
C ILE A 384 9.43 8.44 5.69
N ILE A 385 9.78 9.69 5.49
CA ILE A 385 11.10 10.21 5.97
C ILE A 385 11.14 10.08 7.49
N ASP A 386 10.02 10.33 8.17
CA ASP A 386 9.97 10.38 9.65
C ASP A 386 10.14 8.98 10.24
N GLY A 387 9.88 7.95 9.43
CA GLY A 387 10.21 6.56 9.77
C GLY A 387 9.17 5.88 10.64
N ASN A 388 7.94 6.38 10.79
CA ASN A 388 7.09 5.76 11.85
C ASN A 388 6.12 4.72 11.26
N GLY A 389 6.13 4.56 9.93
CA GLY A 389 5.31 3.50 9.30
C GLY A 389 5.93 2.11 9.42
N GLN A 390 5.17 1.08 9.03
CA GLN A 390 5.61 -0.33 9.11
C GLN A 390 5.13 -1.09 7.87
N THR A 391 5.87 -2.14 7.53
CA THR A 391 5.47 -3.13 6.51
C THR A 391 5.31 -4.47 7.22
N PRO A 392 4.09 -5.01 7.34
CA PRO A 392 3.93 -6.28 8.04
C PRO A 392 4.50 -7.43 7.20
N LYS A 393 5.11 -8.40 7.86
CA LYS A 393 5.77 -9.55 7.19
C LYS A 393 5.27 -10.87 7.76
N SER A 394 4.62 -11.66 6.95
CA SER A 394 4.26 -13.05 7.28
C SER A 394 4.06 -13.82 6.00
N PRO A 395 4.58 -15.06 5.92
CA PRO A 395 4.30 -15.95 4.81
C PRO A 395 2.84 -16.37 4.68
N ALA A 396 2.02 -16.13 5.71
CA ALA A 396 0.59 -16.47 5.69
C ALA A 396 -0.26 -15.20 5.62
N PHE A 397 0.31 -14.06 5.25
CA PHE A 397 -0.43 -12.77 5.32
C PHE A 397 -1.67 -12.79 4.45
N ASN A 398 -1.57 -13.23 3.20
CA ASN A 398 -2.79 -13.29 2.34
C ASN A 398 -3.92 -14.09 3.00
N GLU A 399 -3.61 -15.30 3.45
CA GLU A 399 -4.67 -16.18 3.96
C GLU A 399 -5.29 -15.55 5.21
N ALA A 400 -4.50 -14.89 6.05
CA ALA A 400 -4.98 -14.37 7.35
C ALA A 400 -5.73 -13.05 7.16
N PHE A 401 -5.32 -12.24 6.16
CA PHE A 401 -5.76 -10.84 6.03
C PHE A 401 -6.42 -10.56 4.67
N ASN A 402 -5.63 -10.50 3.59
CA ASN A 402 -6.15 -10.00 2.29
C ASN A 402 -7.27 -10.89 1.73
N ALA A 403 -7.25 -12.21 1.96
CA ALA A 403 -8.12 -13.16 1.23
C ALA A 403 -9.57 -12.82 1.48
N ALA A 404 -10.42 -13.05 0.47
CA ALA A 404 -11.88 -12.91 0.64
C ALA A 404 -12.32 -13.81 1.79
N GLY A 405 -13.08 -13.24 2.74
CA GLY A 405 -13.62 -13.96 3.89
C GLY A 405 -12.53 -14.41 4.86
N SER A 406 -11.39 -13.72 4.89
CA SER A 406 -10.30 -14.02 5.83
C SER A 406 -10.81 -13.82 7.27
N PRO A 407 -10.17 -14.44 8.27
CA PRO A 407 -10.53 -14.19 9.66
C PRO A 407 -10.44 -12.71 10.06
N TRP A 408 -9.54 -11.96 9.42
CA TRP A 408 -9.41 -10.50 9.64
C TRP A 408 -10.65 -9.78 9.09
N GLN A 409 -11.09 -10.13 7.89
CA GLN A 409 -12.30 -9.49 7.34
CA GLN A 409 -12.32 -9.53 7.30
C GLN A 409 -13.50 -9.80 8.25
N LEU A 410 -13.59 -11.02 8.76
CA LEU A 410 -14.75 -11.39 9.61
C LEU A 410 -14.67 -10.62 10.94
N LEU A 411 -13.46 -10.44 11.48
CA LEU A 411 -13.20 -9.68 12.71
C LEU A 411 -13.77 -8.27 12.54
N VAL A 412 -13.44 -7.63 11.43
CA VAL A 412 -13.85 -6.22 11.18
C VAL A 412 -15.36 -6.17 10.97
N GLN A 413 -15.89 -7.07 10.14
CA GLN A 413 -17.34 -7.11 9.84
C GLN A 413 -18.16 -7.30 11.14
N ASN A 414 -17.74 -8.19 12.03
CA ASN A 414 -18.42 -8.42 13.34
C ASN A 414 -18.42 -7.08 14.13
N ALA A 415 -17.25 -6.46 14.23
CA ALA A 415 -17.03 -5.32 15.14
C ALA A 415 -17.80 -4.10 14.63
N VAL A 416 -17.87 -3.93 13.32
CA VAL A 416 -18.43 -2.69 12.74
C VAL A 416 -19.93 -2.85 12.49
N TRP A 417 -20.38 -4.00 11.96
CA TRP A 417 -21.77 -4.16 11.45
C TRP A 417 -22.55 -5.26 12.19
N GLY A 418 -21.89 -6.02 13.04
CA GLY A 418 -22.56 -7.13 13.74
C GLY A 418 -22.28 -7.06 15.22
N SER A 419 -22.03 -8.20 15.81
CA SER A 419 -21.40 -8.32 17.14
C SER A 419 -20.19 -9.21 16.96
N GLY A 420 -19.20 -9.03 17.80
CA GLY A 420 -18.01 -9.89 17.71
C GLY A 420 -17.42 -10.11 19.07
N ASP A 421 -16.60 -11.14 19.15
CA ASP A 421 -15.76 -11.49 20.31
C ASP A 421 -14.33 -11.24 19.83
N LEU A 422 -13.75 -10.09 20.16
CA LEU A 422 -12.46 -9.69 19.53
C LEU A 422 -11.38 -10.68 19.97
N LYS A 423 -11.43 -11.19 21.21
CA LYS A 423 -10.43 -12.21 21.63
C LYS A 423 -10.54 -13.45 20.73
N ALA A 424 -11.75 -13.95 20.51
CA ALA A 424 -11.98 -15.15 19.64
C ALA A 424 -11.58 -14.84 18.20
N ASP A 425 -12.01 -13.68 17.68
CA ASP A 425 -11.79 -13.33 16.24
C ASP A 425 -10.29 -13.16 16.01
N ASN A 426 -9.61 -12.56 16.96
CA ASN A 426 -8.15 -12.40 16.88
C ASN A 426 -7.47 -13.79 16.82
N LYS A 427 -7.87 -14.70 17.71
CA LYS A 427 -7.25 -16.03 17.78
C LYS A 427 -7.50 -16.76 16.45
N ALA A 428 -8.62 -16.50 15.77
CA ALA A 428 -8.88 -17.08 14.42
C ALA A 428 -7.85 -16.58 13.41
N VAL A 429 -7.39 -15.35 13.52
CA VAL A 429 -6.30 -14.80 12.64
C VAL A 429 -5.00 -15.53 12.99
N THR A 430 -4.67 -15.62 14.28
CA THR A 430 -3.49 -16.34 14.79
C THR A 430 -3.46 -17.75 14.22
N ASP A 431 -4.59 -18.44 14.30
CA ASP A 431 -4.67 -19.87 13.87
C ASP A 431 -4.27 -20.00 12.40
N VAL A 432 -4.53 -18.99 11.59
CA VAL A 432 -4.06 -19.03 10.17
C VAL A 432 -2.59 -18.64 10.08
N LEU A 433 -2.14 -17.62 10.83
CA LEU A 433 -0.72 -17.18 10.79
C LEU A 433 0.21 -18.28 11.27
N SER A 434 -0.24 -19.14 12.20
CA SER A 434 0.63 -20.11 12.90
C SER A 434 0.43 -21.51 12.29
N ALA A 435 -0.37 -21.65 11.24
CA ALA A 435 -0.69 -22.95 10.60
C ALA A 435 0.57 -23.51 9.94
N GLN A 436 0.81 -24.82 10.10
CA GLN A 436 2.13 -25.46 9.78
C GLN A 436 1.95 -26.44 8.62
O5 AHR B . -6.96 -3.42 -4.05
C5 AHR B . -7.24 -3.88 -2.75
C4 AHR B . -6.39 -2.93 -2.12
O4 AHR B . -6.32 -1.71 -3.01
C3 AHR B . -5.00 -3.54 -1.97
O3 AHR B . -4.80 -4.51 -0.94
C2 AHR B . -4.46 -2.20 -1.65
O2 AHR B . -3.08 -2.25 -1.57
C1 AHR B . -4.97 -1.29 -2.78
O1 AHR B . -5.06 0.05 -2.42
O5 FUB B . -2.59 -5.10 0.32
C5 FUB B . -1.98 -4.36 1.37
C4 FUB B . -1.55 -2.96 1.00
O4 FUB B . -2.71 -2.15 0.69
C3 FUB B . -0.67 -2.85 -0.22
O3 FUB B . 0.73 -3.00 0.02
C2 FUB B . -1.06 -1.48 -0.79
O2 FUB B . -0.62 -1.19 -2.15
C1 FUB B . -2.56 -1.47 -0.56
#